data_7NSF
#
_entry.id   7NSF
#
_cell.length_a   61.029
_cell.length_b   61.029
_cell.length_c   136.619
_cell.angle_alpha   90.000
_cell.angle_beta   90.000
_cell.angle_gamma   90.000
#
_symmetry.space_group_name_H-M   'P 41 21 2'
#
loop_
_entity.id
_entity.type
_entity.pdbx_description
1 polymer 'Triphosphate tunnel metalloenzyme Saci_0718'
2 non-polymer TRIPHOSPHATE
3 non-polymer 'MAGNESIUM ION'
4 water water
#
_entity_poly.entity_id   1
_entity_poly.type   'polypeptide(L)'
_entity_poly.pdbx_seq_one_letter_code
;MGSYIEREIKLRVISPSLEEIEERIRNNYTFINEEHQIDIYYNNPIRDFRKSDEALRLRNTNGKVILTYKGPKQSKETKT
REEIEVEVSDLHKMDLILRKLGFIRSFQVEKIRKNYKYADFIISLDSIKELGEFIEIEGINKTEKELISFVDEFVKKHQI
QYEKTIKSYLELLVEHAKKTNNSNTHGSIEGRHHHHHH
;
_entity_poly.pdbx_strand_id   A
#
# COMPACT_ATOMS: atom_id res chain seq x y z
N SER A 3 8.91 5.42 -15.92
CA SER A 3 8.12 4.40 -15.25
C SER A 3 8.90 3.81 -14.07
N TYR A 4 8.19 3.04 -13.25
CA TYR A 4 8.78 2.46 -12.04
C TYR A 4 8.00 1.22 -11.67
N ILE A 5 8.70 0.14 -11.27
CA ILE A 5 8.09 -1.14 -10.87
C ILE A 5 8.07 -1.18 -9.33
N GLU A 6 6.92 -1.03 -8.69
CA GLU A 6 6.81 -1.12 -7.22
C GLU A 6 6.69 -2.60 -6.88
N ARG A 7 7.61 -3.16 -6.09
CA ARG A 7 7.54 -4.58 -5.67
C ARG A 7 7.50 -4.61 -4.14
N GLU A 8 6.42 -5.09 -3.53
CA GLU A 8 6.33 -5.18 -2.07
C GLU A 8 5.52 -6.44 -1.73
N ILE A 9 5.65 -6.87 -0.49
CA ILE A 9 4.88 -7.96 0.10
C ILE A 9 3.94 -7.33 1.13
N LYS A 10 2.68 -7.75 1.10
CA LYS A 10 1.66 -7.24 2.01
C LYS A 10 1.20 -8.35 2.94
N LEU A 11 1.29 -8.10 4.24
CA LEU A 11 0.88 -9.09 5.24
C LEU A 11 -0.35 -8.60 5.97
N ARG A 12 -1.36 -9.45 6.06
CA ARG A 12 -2.45 -9.23 6.99
C ARG A 12 -2.02 -9.77 8.34
N VAL A 13 -1.96 -8.90 9.35
CA VAL A 13 -1.45 -9.28 10.66
C VAL A 13 -2.55 -9.99 11.43
N ILE A 14 -2.24 -11.19 11.92
CA ILE A 14 -3.16 -11.90 12.80
C ILE A 14 -2.83 -11.64 14.26
N SER A 15 -1.55 -11.68 14.61
CA SER A 15 -1.09 -11.36 15.95
C SER A 15 0.40 -11.05 15.88
N PRO A 16 0.93 -10.24 16.80
CA PRO A 16 0.19 -9.50 17.83
C PRO A 16 -0.36 -8.21 17.25
N SER A 17 -0.60 -7.22 18.09
CA SER A 17 -1.02 -5.93 17.54
C SER A 17 0.16 -5.22 16.88
N LEU A 18 -0.15 -4.24 16.02
CA LEU A 18 0.89 -3.40 15.45
C LEU A 18 1.63 -2.62 16.52
N GLU A 19 0.93 -2.23 17.59
CA GLU A 19 1.59 -1.55 18.69
C GLU A 19 2.64 -2.44 19.32
N GLU A 20 2.32 -3.72 19.51
CA GLU A 20 3.30 -4.65 20.07
C GLU A 20 4.42 -4.94 19.07
N ILE A 21 4.08 -5.05 17.79
CA ILE A 21 5.10 -5.24 16.75
C ILE A 21 6.03 -4.03 16.70
N GLU A 22 5.47 -2.83 16.90
CA GLU A 22 6.28 -1.63 16.94
C GLU A 22 7.32 -1.71 18.05
N GLU A 23 6.96 -2.30 19.19
CA GLU A 23 7.90 -2.46 20.29
C GLU A 23 9.00 -3.45 19.95
N ARG A 24 8.66 -4.52 19.21
CA ARG A 24 9.65 -5.56 18.93
C ARG A 24 10.69 -5.12 17.92
N ILE A 25 10.37 -4.17 17.03
CA ILE A 25 11.33 -3.70 16.05
C ILE A 25 12.00 -2.41 16.47
N ARG A 26 11.60 -1.82 17.59
CA ARG A 26 12.00 -0.45 17.93
C ARG A 26 13.52 -0.31 18.07
N ASN A 27 14.20 -1.35 18.55
CA ASN A 27 15.63 -1.21 18.84
C ASN A 27 16.49 -1.32 17.59
N ASN A 28 16.14 -2.24 16.67
CA ASN A 28 16.97 -2.51 15.50
C ASN A 28 16.44 -1.88 14.23
N TYR A 29 15.25 -1.28 14.26
CA TYR A 29 14.67 -0.61 13.09
C TYR A 29 14.59 0.87 13.41
N THR A 30 14.95 1.74 12.48
CA THR A 30 14.92 3.19 12.69
C THR A 30 13.61 3.77 12.15
N PHE A 31 12.88 4.47 13.01
CA PHE A 31 11.64 5.11 12.62
C PHE A 31 11.92 6.21 11.59
N ILE A 32 11.15 6.27 10.51
CA ILE A 32 11.32 7.25 9.42
C ILE A 32 10.25 8.31 9.67
N ASN A 33 8.95 8.01 9.48
CA ASN A 33 7.88 8.97 9.72
C ASN A 33 6.57 8.23 9.82
N GLU A 34 5.54 8.95 10.24
CA GLU A 34 4.18 8.46 10.27
C GLU A 34 3.36 9.31 9.31
N GLU A 35 2.58 8.65 8.47
CA GLU A 35 1.80 9.29 7.42
C GLU A 35 0.33 8.99 7.63
N HIS A 36 -0.49 10.03 7.61
CA HIS A 36 -1.94 9.87 7.54
C HIS A 36 -2.32 10.01 6.07
N GLN A 37 -2.82 8.92 5.48
CA GLN A 37 -3.06 8.84 4.04
C GLN A 37 -4.54 8.68 3.77
N ILE A 38 -5.08 9.58 2.94
CA ILE A 38 -6.46 9.51 2.48
C ILE A 38 -6.41 9.40 0.97
N ASP A 39 -6.84 8.26 0.44
CA ASP A 39 -6.77 7.97 -0.99
C ASP A 39 -8.17 7.99 -1.59
N ILE A 40 -8.33 8.66 -2.74
CA ILE A 40 -9.57 8.64 -3.55
C ILE A 40 -9.19 7.84 -4.79
N TYR A 41 -9.80 6.68 -5.01
CA TYR A 41 -9.61 5.88 -6.21
C TYR A 41 -10.65 6.23 -7.28
N TYR A 42 -10.27 6.04 -8.53
CA TYR A 42 -11.11 6.40 -9.68
C TYR A 42 -11.27 5.19 -10.59
N ASN A 43 -12.25 5.29 -11.49
CA ASN A 43 -12.45 4.30 -12.53
C ASN A 43 -12.77 5.01 -13.85
N ASN A 44 -12.51 4.32 -14.96
CA ASN A 44 -12.88 4.80 -16.29
C ASN A 44 -14.14 4.09 -16.75
N PRO A 45 -15.22 4.81 -17.08
CA PRO A 45 -16.46 4.11 -17.49
C PRO A 45 -16.34 3.32 -18.78
N ILE A 46 -15.44 3.69 -19.67
CA ILE A 46 -15.32 2.97 -20.96
C ILE A 46 -14.20 1.93 -20.90
N ARG A 47 -13.44 1.86 -19.79
CA ARG A 47 -12.36 0.88 -19.66
C ARG A 47 -12.28 0.51 -18.18
N ASP A 48 -12.92 -0.60 -17.81
CA ASP A 48 -13.02 -0.98 -16.42
C ASP A 48 -11.66 -1.37 -15.86
N PHE A 49 -11.15 -0.57 -14.92
CA PHE A 49 -9.87 -0.86 -14.30
C PHE A 49 -9.90 -2.16 -13.50
N ARG A 50 -11.06 -2.53 -12.96
CA ARG A 50 -11.18 -3.82 -12.29
C ARG A 50 -10.95 -4.97 -13.26
N LYS A 51 -11.25 -4.78 -14.54
CA LYS A 51 -10.97 -5.79 -15.54
C LYS A 51 -9.50 -5.80 -15.94
N SER A 52 -8.94 -4.62 -16.26
CA SER A 52 -7.58 -4.52 -16.74
C SER A 52 -6.55 -4.49 -15.63
N ASP A 53 -6.99 -4.55 -14.36
CA ASP A 53 -6.09 -4.59 -13.21
C ASP A 53 -5.26 -3.31 -13.11
N GLU A 54 -5.91 -2.19 -13.35
CA GLU A 54 -5.28 -0.88 -13.26
C GLU A 54 -5.90 -0.08 -12.12
N ALA A 55 -5.20 0.98 -11.71
CA ALA A 55 -5.71 1.83 -10.66
C ALA A 55 -5.25 3.26 -10.89
N LEU A 56 -6.09 4.21 -10.47
CA LEU A 56 -5.79 5.63 -10.53
C LEU A 56 -6.19 6.22 -9.19
N ARG A 57 -5.26 6.85 -8.51
CA ARG A 57 -5.45 7.24 -7.12
C ARG A 57 -4.93 8.65 -6.90
N LEU A 58 -5.70 9.43 -6.15
CA LEU A 58 -5.28 10.75 -5.69
C LEU A 58 -5.13 10.65 -4.17
N ARG A 59 -3.90 10.79 -3.69
CA ARG A 59 -3.57 10.57 -2.30
C ARG A 59 -3.29 11.89 -1.59
N ASN A 60 -3.77 12.01 -0.37
CA ASN A 60 -3.41 13.09 0.55
C ASN A 60 -2.64 12.43 1.70
N THR A 61 -1.33 12.61 1.72
CA THR A 61 -0.50 12.04 2.78
C THR A 61 0.22 13.19 3.49
N ASN A 62 -0.19 13.45 4.74
CA ASN A 62 0.27 14.58 5.54
C ASN A 62 0.27 15.87 4.73
N GLY A 63 -0.82 16.10 3.99
CA GLY A 63 -1.00 17.31 3.23
C GLY A 63 -0.32 17.33 1.89
N LYS A 64 0.56 16.38 1.61
CA LYS A 64 1.16 16.27 0.28
C LYS A 64 0.25 15.47 -0.63
N VAL A 65 0.03 15.98 -1.85
CA VAL A 65 -0.99 15.43 -2.74
C VAL A 65 -0.28 14.74 -3.90
N ILE A 66 -0.60 13.46 -4.11
CA ILE A 66 0.11 12.61 -5.05
C ILE A 66 -0.88 11.91 -5.95
N LEU A 67 -0.68 12.02 -7.27
CA LEU A 67 -1.49 11.30 -8.25
C LEU A 67 -0.71 10.10 -8.74
N THR A 68 -1.31 8.91 -8.61
CA THR A 68 -0.62 7.66 -8.87
C THR A 68 -1.43 6.82 -9.84
N TYR A 69 -0.78 6.38 -10.92
CA TYR A 69 -1.28 5.32 -11.78
C TYR A 69 -0.61 4.01 -11.42
N LYS A 70 -1.38 2.93 -11.40
CA LYS A 70 -0.83 1.60 -11.14
C LYS A 70 -1.28 0.67 -12.25
N GLY A 71 -0.34 -0.11 -12.79
CA GLY A 71 -0.62 -1.03 -13.86
C GLY A 71 -0.94 -2.43 -13.38
N PRO A 72 -1.12 -3.36 -14.32
CA PRO A 72 -1.48 -4.73 -13.94
C PRO A 72 -0.38 -5.42 -13.15
N LYS A 73 -0.78 -6.38 -12.32
CA LYS A 73 0.18 -7.15 -11.54
C LYS A 73 1.05 -8.00 -12.44
N GLN A 74 2.34 -8.11 -12.10
CA GLN A 74 3.30 -8.85 -12.89
C GLN A 74 3.83 -10.08 -12.15
N SER A 75 3.35 -10.32 -10.94
CA SER A 75 3.84 -11.43 -10.13
C SER A 75 2.67 -12.05 -9.39
N LYS A 76 2.81 -13.33 -9.05
CA LYS A 76 1.87 -14.00 -8.20
C LYS A 76 2.38 -14.22 -6.78
N GLU A 77 3.69 -14.09 -6.56
CA GLU A 77 4.25 -14.35 -5.25
C GLU A 77 4.53 -13.08 -4.46
N THR A 78 4.66 -11.92 -5.12
CA THR A 78 4.67 -10.63 -4.44
C THR A 78 3.72 -9.68 -5.16
N LYS A 79 3.46 -8.54 -4.55
CA LYS A 79 2.62 -7.47 -5.15
C LYS A 79 3.59 -6.66 -6.03
N THR A 80 3.60 -6.87 -7.35
CA THR A 80 4.51 -6.21 -8.28
C THR A 80 3.68 -5.54 -9.37
N ARG A 81 3.79 -4.22 -9.45
CA ARG A 81 3.01 -3.43 -10.39
C ARG A 81 3.83 -2.25 -10.87
N GLU A 82 3.61 -1.86 -12.11
CA GLU A 82 4.11 -0.57 -12.57
C GLU A 82 3.39 0.54 -11.83
N GLU A 83 4.13 1.54 -11.38
CA GLU A 83 3.58 2.64 -10.61
C GLU A 83 4.20 3.94 -11.09
N ILE A 84 3.39 4.90 -11.58
CA ILE A 84 3.87 6.23 -12.04
C ILE A 84 3.22 7.25 -11.11
N GLU A 85 3.99 8.07 -10.41
CA GLU A 85 3.46 9.03 -9.42
C GLU A 85 3.93 10.44 -9.73
N VAL A 86 3.11 11.45 -9.50
CA VAL A 86 3.50 12.87 -9.61
C VAL A 86 2.82 13.60 -8.45
N GLU A 87 3.49 14.53 -7.82
CA GLU A 87 2.89 15.41 -6.83
C GLU A 87 2.18 16.54 -7.57
N VAL A 88 0.98 16.88 -7.09
CA VAL A 88 0.22 17.97 -7.69
C VAL A 88 -0.03 19.02 -6.62
N SER A 89 -0.36 20.24 -7.08
CA SER A 89 -0.39 21.38 -6.17
C SER A 89 -1.69 21.46 -5.38
N ASP A 90 -2.78 20.87 -5.85
CA ASP A 90 -4.09 21.10 -5.23
C ASP A 90 -4.98 19.90 -5.49
N LEU A 91 -5.38 19.22 -4.41
CA LEU A 91 -6.16 18.00 -4.51
C LEU A 91 -7.53 18.27 -5.13
N HIS A 92 -8.23 19.27 -4.62
CA HIS A 92 -9.56 19.60 -5.14
C HIS A 92 -9.52 19.83 -6.64
N LYS A 93 -8.57 20.61 -7.10
CA LYS A 93 -8.49 20.91 -8.51
C LYS A 93 -8.13 19.72 -9.34
N MET A 94 -7.19 18.93 -8.86
CA MET A 94 -6.85 17.72 -9.60
C MET A 94 -8.05 16.77 -9.69
N ASP A 95 -8.79 16.63 -8.59
CA ASP A 95 -10.01 15.82 -8.61
C ASP A 95 -11.02 16.35 -9.60
N LEU A 96 -11.15 17.69 -9.68
CA LEU A 96 -12.05 18.30 -10.65
C LEU A 96 -11.63 17.97 -12.08
N ILE A 97 -10.32 18.07 -12.36
CA ILE A 97 -9.84 17.79 -13.70
C ILE A 97 -10.17 16.36 -14.09
N LEU A 98 -9.93 15.40 -13.20
CA LEU A 98 -10.28 14.01 -13.50
C LEU A 98 -11.77 13.86 -13.77
N ARG A 99 -12.61 14.53 -12.99
CA ARG A 99 -14.06 14.42 -13.20
C ARG A 99 -14.49 15.12 -14.49
N LYS A 100 -13.84 16.25 -14.81
CA LYS A 100 -14.10 16.90 -16.08
C LYS A 100 -13.67 16.03 -17.26
N LEU A 101 -12.62 15.21 -17.09
CA LEU A 101 -12.16 14.34 -18.15
C LEU A 101 -12.98 13.06 -18.28
N GLY A 102 -13.92 12.81 -17.37
CA GLY A 102 -14.77 11.65 -17.47
C GLY A 102 -14.54 10.57 -16.43
N PHE A 103 -13.54 10.72 -15.57
CA PHE A 103 -13.31 9.72 -14.55
C PHE A 103 -14.34 9.84 -13.44
N ILE A 104 -14.64 8.73 -12.80
CA ILE A 104 -15.62 8.66 -11.72
C ILE A 104 -14.91 8.24 -10.45
N ARG A 105 -15.18 8.91 -9.34
CA ARG A 105 -14.58 8.48 -8.09
C ARG A 105 -15.10 7.11 -7.74
N SER A 106 -14.22 6.19 -7.36
CA SER A 106 -14.64 4.85 -7.05
C SER A 106 -14.85 4.62 -5.57
N PHE A 107 -13.79 4.45 -4.80
CA PHE A 107 -13.90 4.23 -3.36
C PHE A 107 -12.76 4.96 -2.65
N GLN A 108 -12.85 5.09 -1.33
CA GLN A 108 -11.85 5.83 -0.57
C GLN A 108 -11.22 4.92 0.46
N VAL A 109 -9.89 5.03 0.62
CA VAL A 109 -9.14 4.26 1.60
C VAL A 109 -8.38 5.24 2.50
N GLU A 110 -8.51 5.10 3.82
CA GLU A 110 -7.85 6.00 4.78
C GLU A 110 -7.01 5.15 5.71
N LYS A 111 -5.79 5.56 6.03
CA LYS A 111 -4.94 4.76 6.93
C LYS A 111 -3.90 5.61 7.64
N ILE A 112 -3.34 5.03 8.70
CA ILE A 112 -2.18 5.58 9.44
C ILE A 112 -1.03 4.63 9.10
N ARG A 113 0.02 5.09 8.43
CA ARG A 113 1.17 4.27 8.04
C ARG A 113 2.39 4.74 8.80
N LYS A 114 3.09 3.82 9.44
CA LYS A 114 4.32 4.10 10.17
C LYS A 114 5.45 3.42 9.42
N ASN A 115 6.42 4.20 9.00
CA ASN A 115 7.50 3.69 8.16
C ASN A 115 8.79 3.51 8.97
N TYR A 116 9.41 2.35 8.82
CA TYR A 116 10.65 1.99 9.48
C TYR A 116 11.66 1.54 8.44
N LYS A 117 12.92 1.64 8.80
CA LYS A 117 14.02 1.32 7.86
C LYS A 117 14.94 0.27 8.47
N TYR A 118 15.20 -0.79 7.73
CA TYR A 118 16.20 -1.82 8.13
C TYR A 118 17.03 -2.10 6.89
N ALA A 119 18.30 -1.71 6.90
CA ALA A 119 19.18 -1.87 5.72
C ALA A 119 18.48 -1.30 4.49
N ASP A 120 18.40 -2.11 3.43
CA ASP A 120 17.78 -1.63 2.17
C ASP A 120 16.29 -1.94 2.16
N PHE A 121 15.68 -2.22 3.32
CA PHE A 121 14.23 -2.52 3.28
C PHE A 121 13.41 -1.47 4.04
N ILE A 122 12.18 -1.22 3.57
CA ILE A 122 11.24 -0.31 4.21
C ILE A 122 10.09 -1.15 4.75
N ILE A 123 9.81 -1.02 6.04
CA ILE A 123 8.72 -1.71 6.70
C ILE A 123 7.65 -0.67 7.00
N SER A 124 6.45 -0.90 6.48
CA SER A 124 5.32 -0.02 6.70
C SER A 124 4.30 -0.71 7.60
N LEU A 125 4.04 -0.19 8.81
CA LEU A 125 3.01 -0.72 9.72
C LEU A 125 1.76 0.09 9.39
N ASP A 126 0.70 -0.57 8.95
CA ASP A 126 -0.48 0.07 8.39
C ASP A 126 -1.73 -0.21 9.22
N SER A 127 -2.39 0.82 9.73
CA SER A 127 -3.66 0.72 10.47
C SER A 127 -4.72 1.20 9.45
N ILE A 128 -5.35 0.29 8.73
CA ILE A 128 -6.31 0.64 7.69
C ILE A 128 -7.69 0.77 8.33
N LYS A 129 -8.32 1.88 8.07
CA LYS A 129 -9.64 2.11 8.58
C LYS A 129 -10.56 1.10 7.92
N GLU A 130 -11.26 0.33 8.74
CA GLU A 130 -12.25 -0.70 8.37
C GLU A 130 -11.70 -2.01 7.84
N LEU A 131 -10.41 -2.07 7.54
CA LEU A 131 -9.80 -3.34 7.10
C LEU A 131 -8.96 -3.93 8.24
N GLY A 132 -8.28 -3.12 9.04
CA GLY A 132 -7.52 -3.66 10.15
C GLY A 132 -6.03 -3.41 9.97
N GLU A 133 -5.24 -4.33 10.54
CA GLU A 133 -3.81 -4.11 10.65
C GLU A 133 -3.04 -4.92 9.62
N PHE A 134 -2.11 -4.25 8.93
CA PHE A 134 -1.34 -4.83 7.84
C PHE A 134 0.10 -4.35 7.95
N ILE A 135 1.00 -5.12 7.34
CA ILE A 135 2.39 -4.73 7.16
C ILE A 135 2.74 -4.83 5.68
N GLU A 136 3.43 -3.82 5.17
CA GLU A 136 3.95 -3.86 3.79
C GLU A 136 5.45 -3.76 3.92
N ILE A 137 6.17 -4.53 3.14
CA ILE A 137 7.63 -4.52 3.12
C ILE A 137 8.09 -4.32 1.69
N GLU A 138 8.99 -3.36 1.49
CA GLU A 138 9.54 -3.03 0.18
C GLU A 138 11.05 -3.12 0.26
N GLY A 139 11.68 -3.48 -0.86
CA GLY A 139 13.13 -3.60 -0.89
C GLY A 139 13.78 -2.73 -1.94
N ILE A 140 14.78 -1.95 -1.53
CA ILE A 140 15.51 -1.08 -2.46
C ILE A 140 16.55 -1.93 -3.20
N ASN A 141 16.44 -1.96 -4.53
CA ASN A 141 17.38 -2.70 -5.38
C ASN A 141 17.44 -4.18 -4.97
N LYS A 142 16.26 -4.75 -4.76
CA LYS A 142 16.13 -6.13 -4.28
C LYS A 142 15.36 -6.95 -5.31
N THR A 143 15.82 -8.17 -5.54
CA THR A 143 15.09 -9.08 -6.40
C THR A 143 13.90 -9.67 -5.64
N GLU A 144 13.00 -10.31 -6.38
CA GLU A 144 11.84 -10.91 -5.74
C GLU A 144 12.23 -12.00 -4.77
N LYS A 145 13.30 -12.75 -5.08
CA LYS A 145 13.79 -13.78 -4.16
C LYS A 145 14.29 -13.16 -2.86
N GLU A 146 15.04 -12.06 -2.94
CA GLU A 146 15.57 -11.42 -1.74
C GLU A 146 14.44 -10.89 -0.86
N LEU A 147 13.43 -10.25 -1.47
CA LEU A 147 12.34 -9.68 -0.69
C LEU A 147 11.57 -10.77 0.06
N ILE A 148 11.21 -11.85 -0.65
CA ILE A 148 10.52 -12.97 -0.02
C ILE A 148 11.34 -13.53 1.13
N SER A 149 12.65 -13.66 0.91
CA SER A 149 13.51 -14.22 1.96
C SER A 149 13.56 -13.31 3.17
N PHE A 150 13.69 -12.00 2.95
CA PHE A 150 13.78 -11.09 4.08
C PHE A 150 12.47 -11.07 4.89
N VAL A 151 11.33 -11.11 4.19
CA VAL A 151 10.05 -11.10 4.90
C VAL A 151 9.91 -12.34 5.77
N ASP A 152 10.37 -13.49 5.27
CA ASP A 152 10.32 -14.71 6.08
C ASP A 152 11.15 -14.56 7.36
N GLU A 153 12.34 -13.96 7.25
CA GLU A 153 13.15 -13.68 8.43
C GLU A 153 12.47 -12.66 9.33
N PHE A 154 11.81 -11.67 8.72
CA PHE A 154 11.18 -10.61 9.50
C PHE A 154 10.06 -11.16 10.39
N VAL A 155 9.15 -11.94 9.80
CA VAL A 155 8.05 -12.46 10.59
C VAL A 155 8.53 -13.46 11.64
N LYS A 156 9.56 -14.24 11.31
CA LYS A 156 10.06 -15.22 12.27
C LYS A 156 10.73 -14.54 13.43
N LYS A 157 11.60 -13.56 13.16
CA LYS A 157 12.35 -12.90 14.23
C LYS A 157 11.43 -12.16 15.19
N HIS A 158 10.31 -11.63 14.70
CA HIS A 158 9.39 -10.87 15.53
C HIS A 158 8.13 -11.65 15.88
N GLN A 159 8.12 -12.95 15.61
CA GLN A 159 7.06 -13.87 16.02
C GLN A 159 5.70 -13.32 15.59
N ILE A 160 5.59 -12.95 14.33
CA ILE A 160 4.34 -12.38 13.77
C ILE A 160 3.51 -13.48 13.11
N GLN A 161 2.24 -13.61 13.49
N GLN A 161 2.24 -13.64 13.50
CA GLN A 161 1.36 -14.60 12.82
CA GLN A 161 1.37 -14.61 12.80
C GLN A 161 0.79 -13.82 11.62
C GLN A 161 0.80 -13.82 11.62
N TYR A 162 0.72 -14.38 10.42
CA TYR A 162 0.31 -13.40 9.36
C TYR A 162 -0.34 -14.17 8.21
N GLU A 163 -0.79 -13.46 7.18
CA GLU A 163 -1.29 -14.06 5.95
C GLU A 163 -0.84 -13.15 4.82
N LYS A 164 -0.13 -13.70 3.85
CA LYS A 164 0.33 -12.90 2.73
C LYS A 164 -0.79 -12.73 1.72
N THR A 165 -0.86 -11.54 1.12
CA THR A 165 -1.84 -11.31 0.07
C THR A 165 -1.27 -10.36 -0.96
N ILE A 166 -1.61 -10.58 -2.22
CA ILE A 166 -1.25 -9.67 -3.30
C ILE A 166 -2.43 -8.78 -3.70
N LYS A 167 -3.53 -8.85 -2.97
CA LYS A 167 -4.64 -7.94 -3.26
C LYS A 167 -4.30 -6.52 -2.80
N SER A 168 -4.75 -5.53 -3.57
CA SER A 168 -4.60 -4.15 -3.16
C SER A 168 -5.59 -3.83 -2.04
N TYR A 169 -5.34 -2.71 -1.36
CA TYR A 169 -6.25 -2.26 -0.31
C TYR A 169 -7.62 -1.95 -0.87
N LEU A 170 -7.66 -1.32 -2.05
CA LEU A 170 -8.93 -1.10 -2.74
C LEU A 170 -9.69 -2.41 -2.92
N GLU A 171 -9.01 -3.45 -3.39
CA GLU A 171 -9.71 -4.74 -3.57
C GLU A 171 -10.14 -5.32 -2.22
N LEU A 172 -9.28 -5.24 -1.21
CA LEU A 172 -9.68 -5.80 0.09
C LEU A 172 -10.89 -5.05 0.63
N LEU A 173 -10.90 -3.74 0.49
CA LEU A 173 -12.03 -2.95 0.99
C LEU A 173 -13.31 -3.44 0.33
N VAL A 174 -13.29 -3.67 -0.97
CA VAL A 174 -14.50 -4.09 -1.66
C VAL A 174 -15.01 -5.42 -1.08
N GLU A 175 -14.11 -6.38 -0.89
CA GLU A 175 -14.52 -7.67 -0.34
C GLU A 175 -15.04 -7.52 1.08
N HIS A 176 -14.40 -6.68 1.89
CA HIS A 176 -14.83 -6.47 3.27
C HIS A 176 -16.21 -5.82 3.32
N ALA A 177 -16.57 -5.09 2.26
CA ALA A 177 -17.86 -4.38 2.13
C ALA A 177 -18.94 -5.35 1.64
N LYS A 178 -18.52 -6.49 1.08
CA LYS A 178 -19.47 -7.53 0.59
C LYS A 178 -20.28 -8.04 1.78
N LYS A 179 -19.61 -8.23 2.92
CA LYS A 179 -20.23 -8.68 4.19
C LYS A 179 -20.57 -7.44 5.02
#